data_3VH6
#
_entry.id   3VH6
#
_cell.length_a   158.510
_cell.length_b   158.510
_cell.length_c   158.510
_cell.angle_alpha   90.00
_cell.angle_beta   90.00
_cell.angle_gamma   90.00
#
_symmetry.space_group_name_H-M   'I 21 3'
#
loop_
_entity.id
_entity.type
_entity.pdbx_description
1 polymer CENP-S
2 polymer CENP-X
3 polymer CENP-T
4 polymer CENP-W
#
loop_
_entity_poly.entity_id
_entity_poly.type
_entity_poly.pdbx_seq_one_letter_code
_entity_poly.pdbx_strand_id
1 'polypeptide(L)'
;GSEAAGGEQRELLIQRLRAAVHYTTGALAQDVAEDKGVLFSKQTVAAISEITFRQAENFARDLEMFARHAKRSTITSEDV
KLLARRSNSLLKYITQKSDELASSNMEQKEKKKKKSSAAKGRKTEENETPVTESEDSNMA
;
A
2 'polypeptide(L)'
;GYEEREGGFRKETVERLLRLHFRDGRTRVNGDALLLMAELLKVFVREAAARAARQAQAEDLEKVDIEHVEKVLPQLLLDF
V
;
D
3 'polypeptide(L)'
;GSTREPEIASSLIKQIFSHYVKTPVTRDAYKIVEKASERYFKQISSDLEAYSQHAGRKTVEMADVELLMRRQGLVTDKMP
LHVLVERHLPLEYRKLLIPIAVSGNKVIPAK
;
T
4 'polypeptide(L)' GYRRTVPRGTLRKIIKKHKPHLRLAANTDLLVHLSFLLFLHRLAEEARTNAFENKSKIIKPEHTIAAAKVILKKSRG W
#
# COMPACT_ATOMS: atom_id res chain seq x y z
N GLY A 7 -17.63 -26.01 7.52
CA GLY A 7 -16.31 -25.59 7.97
C GLY A 7 -15.18 -26.42 7.40
N GLU A 8 -15.38 -27.74 7.33
CA GLU A 8 -14.36 -28.66 6.81
C GLU A 8 -14.20 -28.51 5.31
N GLN A 9 -15.32 -28.26 4.63
CA GLN A 9 -15.30 -28.07 3.18
C GLN A 9 -14.39 -26.91 2.82
N ARG A 10 -14.45 -25.87 3.65
CA ARG A 10 -13.57 -24.72 3.53
C ARG A 10 -12.10 -25.12 3.64
N GLU A 11 -11.71 -25.75 4.74
CA GLU A 11 -10.35 -26.25 4.91
C GLU A 11 -9.85 -27.04 3.69
N LEU A 12 -10.73 -27.85 3.11
CA LEU A 12 -10.38 -28.56 1.88
C LEU A 12 -10.13 -27.60 0.71
N LEU A 13 -10.97 -26.57 0.58
CA LEU A 13 -10.74 -25.53 -0.44
C LEU A 13 -9.37 -24.87 -0.21
N ILE A 14 -9.10 -24.54 1.06
CA ILE A 14 -7.79 -24.04 1.47
C ILE A 14 -6.73 -24.91 0.85
N GLN A 15 -6.66 -26.18 1.23
CA GLN A 15 -5.62 -27.07 0.70
C GLN A 15 -5.51 -27.12 -0.82
N ARG A 16 -6.60 -27.44 -1.51
CA ARG A 16 -6.53 -27.46 -2.97
C ARG A 16 -5.87 -26.19 -3.50
N LEU A 17 -6.30 -25.04 -2.97
CA LEU A 17 -5.73 -23.76 -3.38
C LEU A 17 -4.25 -23.64 -3.04
N ARG A 18 -3.90 -23.72 -1.76
CA ARG A 18 -2.53 -23.51 -1.31
C ARG A 18 -1.59 -24.32 -2.19
N ALA A 19 -1.89 -25.60 -2.33
CA ALA A 19 -1.05 -26.47 -3.13
C ALA A 19 -1.16 -26.15 -4.63
N ALA A 20 -2.26 -25.52 -5.03
CA ALA A 20 -2.39 -25.05 -6.41
C ALA A 20 -1.40 -23.93 -6.72
N VAL A 21 -1.47 -22.87 -5.90
CA VAL A 21 -0.58 -21.74 -6.01
C VAL A 21 0.83 -22.25 -5.86
N HIS A 22 1.00 -23.32 -5.09
CA HIS A 22 2.31 -23.96 -5.05
C HIS A 22 2.71 -24.49 -6.43
N TYR A 23 1.88 -25.31 -7.07
CA TYR A 23 2.30 -25.80 -8.39
C TYR A 23 2.73 -24.64 -9.30
N THR A 24 1.85 -23.66 -9.46
CA THR A 24 2.17 -22.59 -10.41
C THR A 24 3.40 -21.81 -9.97
N THR A 25 3.55 -21.62 -8.66
CA THR A 25 4.68 -20.89 -8.08
C THR A 25 5.97 -21.58 -8.49
N GLY A 26 6.05 -22.87 -8.19
CA GLY A 26 7.18 -23.69 -8.58
C GLY A 26 7.50 -23.63 -10.07
N ALA A 27 6.47 -23.57 -10.92
CA ALA A 27 6.68 -23.43 -12.37
C ALA A 27 7.36 -22.10 -12.72
N LEU A 28 6.71 -21.00 -12.37
CA LEU A 28 7.24 -19.66 -12.63
C LEU A 28 8.66 -19.59 -12.12
N ALA A 29 8.79 -20.07 -10.89
CA ALA A 29 10.04 -20.24 -10.17
C ALA A 29 11.13 -20.98 -10.99
N GLN A 30 10.78 -22.10 -11.61
CA GLN A 30 11.78 -22.77 -12.43
C GLN A 30 12.17 -21.85 -13.58
N ASP A 31 11.19 -21.29 -14.27
CA ASP A 31 11.57 -20.43 -15.38
C ASP A 31 12.61 -19.39 -14.99
N VAL A 32 12.33 -18.66 -13.92
CA VAL A 32 13.33 -17.71 -13.41
C VAL A 32 14.65 -18.40 -13.15
N ALA A 33 14.58 -19.63 -12.64
CA ALA A 33 15.77 -20.43 -12.36
C ALA A 33 16.62 -20.70 -13.60
N GLU A 34 15.97 -21.03 -14.72
CA GLU A 34 16.68 -21.25 -15.98
C GLU A 34 17.29 -19.98 -16.53
N ASP A 35 16.52 -18.88 -16.53
CA ASP A 35 17.02 -17.62 -17.05
C ASP A 35 18.24 -17.20 -16.25
N LYS A 36 18.09 -17.20 -14.93
CA LYS A 36 19.16 -16.72 -14.06
C LYS A 36 20.28 -17.74 -13.81
N GLY A 37 20.02 -19.02 -14.13
CA GLY A 37 20.99 -20.11 -13.94
C GLY A 37 21.32 -20.41 -12.48
N VAL A 38 20.27 -20.62 -11.68
CA VAL A 38 20.46 -20.92 -10.27
C VAL A 38 19.32 -21.78 -9.76
N LEU A 39 19.64 -22.65 -8.81
CA LEU A 39 18.68 -23.58 -8.28
C LEU A 39 18.00 -22.93 -7.10
N PHE A 40 16.68 -23.08 -7.07
CA PHE A 40 15.90 -22.69 -5.92
C PHE A 40 15.72 -23.90 -5.02
N SER A 41 16.01 -23.75 -3.73
CA SER A 41 15.73 -24.81 -2.78
C SER A 41 14.22 -25.07 -2.78
N LYS A 42 13.80 -26.23 -2.32
CA LYS A 42 12.38 -26.47 -2.23
C LYS A 42 11.78 -25.47 -1.24
N GLN A 43 12.46 -25.29 -0.10
CA GLN A 43 11.97 -24.38 0.94
C GLN A 43 11.76 -22.97 0.39
N THR A 44 12.65 -22.55 -0.49
CA THR A 44 12.56 -21.28 -1.22
C THR A 44 11.21 -21.14 -1.96
N VAL A 45 10.89 -22.12 -2.79
CA VAL A 45 9.62 -22.05 -3.47
C VAL A 45 8.44 -22.15 -2.50
N ALA A 46 8.59 -22.96 -1.46
CA ALA A 46 7.59 -23.02 -0.42
C ALA A 46 7.27 -21.62 0.03
N ALA A 47 8.30 -20.92 0.47
CA ALA A 47 8.14 -19.58 0.97
C ALA A 47 7.44 -18.71 -0.06
N ILE A 48 8.03 -18.60 -1.26
CA ILE A 48 7.50 -17.68 -2.26
C ILE A 48 6.02 -17.96 -2.42
N SER A 49 5.66 -19.25 -2.31
CA SER A 49 4.29 -19.70 -2.43
C SER A 49 3.42 -19.13 -1.31
N GLU A 50 3.76 -19.45 -0.06
CA GLU A 50 2.97 -18.93 1.05
C GLU A 50 2.81 -17.42 0.96
N ILE A 51 3.91 -16.72 0.80
CA ILE A 51 3.92 -15.27 0.62
C ILE A 51 2.92 -14.83 -0.45
N THR A 52 2.91 -15.49 -1.60
CA THR A 52 1.94 -15.19 -2.63
C THR A 52 0.53 -15.35 -2.07
N PHE A 53 0.28 -16.48 -1.41
CA PHE A 53 -1.02 -16.78 -0.79
C PHE A 53 -1.50 -15.69 0.13
N ARG A 54 -0.65 -15.25 1.04
CA ARG A 54 -0.94 -14.13 1.94
C ARG A 54 -1.24 -12.83 1.21
N GLN A 55 -0.37 -12.42 0.31
CA GLN A 55 -0.61 -11.20 -0.44
C GLN A 55 -2.00 -11.21 -1.08
N ALA A 56 -2.42 -12.38 -1.53
CA ALA A 56 -3.79 -12.54 -2.05
C ALA A 56 -4.88 -11.97 -1.12
N GLU A 57 -4.78 -12.20 0.20
CA GLU A 57 -5.74 -11.72 1.21
C GLU A 57 -5.94 -10.22 1.17
N ASN A 58 -4.85 -9.50 0.95
CA ASN A 58 -4.91 -8.07 0.81
C ASN A 58 -5.30 -7.57 -0.57
N PHE A 59 -4.94 -8.28 -1.62
CA PHE A 59 -5.46 -7.92 -2.95
C PHE A 59 -6.98 -8.11 -2.93
N ALA A 60 -7.40 -9.06 -2.11
CA ALA A 60 -8.78 -9.47 -2.02
C ALA A 60 -9.51 -8.38 -1.27
N ARG A 61 -9.21 -8.23 0.02
CA ARG A 61 -9.88 -7.22 0.83
C ARG A 61 -9.80 -5.77 0.28
N ASP A 62 -8.70 -5.43 -0.40
CA ASP A 62 -8.60 -4.13 -1.08
C ASP A 62 -9.46 -4.06 -2.36
N LEU A 63 -9.70 -5.21 -3.01
CA LEU A 63 -10.56 -5.21 -4.21
C LEU A 63 -12.03 -5.16 -3.80
N GLU A 64 -12.38 -5.94 -2.78
CA GLU A 64 -13.67 -5.82 -2.15
C GLU A 64 -13.92 -4.34 -1.88
N MET A 65 -13.09 -3.75 -1.01
CA MET A 65 -13.20 -2.32 -0.67
C MET A 65 -13.36 -1.44 -1.94
N PHE A 66 -12.49 -1.69 -2.90
CA PHE A 66 -12.41 -0.89 -4.11
C PHE A 66 -13.69 -0.85 -4.92
N ALA A 67 -14.39 -1.99 -4.98
CA ALA A 67 -15.69 -2.02 -5.64
C ALA A 67 -16.83 -1.44 -4.77
N ARG A 68 -16.95 -1.96 -3.54
CA ARG A 68 -18.06 -1.58 -2.67
C ARG A 68 -18.04 -0.10 -2.36
N HIS A 69 -16.95 0.56 -2.74
CA HIS A 69 -16.82 2.04 -2.67
C HIS A 69 -17.56 2.69 -3.84
N ALA A 70 -17.71 1.95 -4.94
CA ALA A 70 -18.52 2.37 -6.08
C ALA A 70 -20.01 1.90 -5.97
N LYS A 71 -20.35 1.37 -4.79
CA LYS A 71 -21.69 0.87 -4.45
C LYS A 71 -21.99 -0.41 -5.22
N ARG A 72 -20.94 -1.18 -5.47
CA ARG A 72 -20.95 -2.27 -6.45
C ARG A 72 -20.49 -3.58 -5.77
N SER A 73 -21.06 -4.71 -6.15
CA SER A 73 -20.56 -6.00 -5.65
C SER A 73 -19.67 -6.77 -6.65
N THR A 74 -19.51 -6.23 -7.85
CA THR A 74 -18.78 -6.95 -8.90
C THR A 74 -17.51 -6.24 -9.41
N ILE A 75 -16.36 -6.86 -9.15
CA ILE A 75 -15.03 -6.26 -9.39
C ILE A 75 -14.65 -6.06 -10.87
N THR A 76 -14.28 -4.84 -11.24
CA THR A 76 -13.98 -4.56 -12.64
C THR A 76 -12.49 -4.53 -12.91
N SER A 77 -12.14 -4.33 -14.17
CA SER A 77 -10.78 -4.02 -14.57
C SER A 77 -10.37 -2.72 -13.85
N GLU A 78 -11.33 -1.82 -13.65
CA GLU A 78 -11.06 -0.57 -12.97
C GLU A 78 -10.55 -0.83 -11.57
N ASP A 79 -11.13 -1.82 -10.91
CA ASP A 79 -10.70 -2.16 -9.56
C ASP A 79 -9.26 -2.70 -9.54
N VAL A 80 -8.90 -3.55 -10.48
CA VAL A 80 -7.52 -4.01 -10.52
C VAL A 80 -6.58 -2.84 -10.76
N LYS A 81 -6.91 -1.98 -11.73
CA LYS A 81 -6.08 -0.80 -12.01
C LYS A 81 -5.87 0.08 -10.77
N LEU A 82 -6.94 0.49 -10.12
CA LEU A 82 -6.83 1.17 -8.82
C LEU A 82 -5.88 0.44 -7.84
N LEU A 83 -6.08 -0.87 -7.67
CA LEU A 83 -5.17 -1.67 -6.84
C LEU A 83 -3.72 -1.41 -7.23
N ALA A 84 -3.49 -1.39 -8.53
CA ALA A 84 -2.15 -1.39 -9.09
C ALA A 84 -1.57 -0.02 -9.27
N ARG A 85 -2.31 1.00 -8.83
CA ARG A 85 -1.87 2.38 -8.98
C ARG A 85 -0.57 2.67 -8.25
N ARG A 86 -0.36 2.01 -7.12
CA ARG A 86 0.77 2.33 -6.26
C ARG A 86 2.16 1.92 -6.76
N SER A 87 2.24 1.30 -7.93
CA SER A 87 3.53 1.20 -8.63
C SER A 87 3.48 1.66 -10.08
N ASN A 88 4.19 2.74 -10.38
CA ASN A 88 4.10 3.31 -11.73
C ASN A 88 4.53 2.34 -12.83
N SER A 89 5.59 1.59 -12.56
CA SER A 89 6.01 0.51 -13.44
C SER A 89 4.92 -0.55 -13.52
N LEU A 90 4.58 -1.10 -12.36
CA LEU A 90 3.54 -2.11 -12.26
C LEU A 90 2.20 -1.65 -12.91
N LEU A 91 1.78 -0.43 -12.61
CA LEU A 91 0.51 0.11 -13.15
C LEU A 91 0.58 0.26 -14.66
N LYS A 92 1.70 0.77 -15.15
CA LYS A 92 1.92 0.82 -16.58
C LYS A 92 1.70 -0.55 -17.21
N TYR A 93 2.38 -1.56 -16.67
CA TYR A 93 2.27 -2.93 -17.21
C TYR A 93 0.85 -3.53 -17.17
N ILE A 94 0.15 -3.42 -16.05
CA ILE A 94 -1.21 -4.00 -15.98
C ILE A 94 -2.23 -3.19 -16.80
N THR A 95 -1.98 -1.89 -16.94
CA THR A 95 -2.79 -1.10 -17.87
C THR A 95 -2.55 -1.55 -19.32
N GLN A 96 -1.31 -1.92 -19.64
CA GLN A 96 -1.01 -2.57 -20.92
C GLN A 96 -1.79 -3.89 -21.11
N LYS A 97 -1.60 -4.82 -20.18
CA LYS A 97 -2.33 -6.09 -20.20
C LYS A 97 -3.85 -5.93 -20.33
N SER A 98 -4.40 -4.86 -19.75
CA SER A 98 -5.83 -4.55 -19.91
C SER A 98 -6.20 -3.85 -21.23
N ASP A 99 -5.24 -3.21 -21.88
CA ASP A 99 -5.48 -2.68 -23.23
C ASP A 99 -5.38 -3.78 -24.30
N GLU A 100 -4.63 -4.83 -23.99
CA GLU A 100 -4.62 -6.06 -24.79
C GLU A 100 -5.94 -6.82 -24.60
N LEU A 101 -6.28 -7.07 -23.34
CA LEU A 101 -7.52 -7.76 -22.98
C LEU A 101 -8.82 -7.03 -23.36
N ALA A 102 -8.76 -5.70 -23.45
CA ALA A 102 -9.94 -4.90 -23.78
C ALA A 102 -10.25 -4.92 -25.27
N SER A 103 -9.19 -4.95 -26.07
CA SER A 103 -9.32 -5.04 -27.51
C SER A 103 -10.06 -6.32 -27.89
N SER A 104 -10.21 -7.22 -26.92
CA SER A 104 -10.74 -8.57 -27.17
C SER A 104 -9.84 -9.30 -28.18
N GLY B 7 3.88 -20.49 -18.88
CA GLY B 7 2.95 -20.95 -17.87
C GLY B 7 2.17 -19.80 -17.27
N GLY B 8 1.58 -20.03 -16.08
CA GLY B 8 0.81 -19.00 -15.39
C GLY B 8 -0.13 -19.52 -14.31
N PHE B 9 -1.05 -18.66 -13.86
CA PHE B 9 -2.03 -19.02 -12.84
C PHE B 9 -3.38 -19.42 -13.45
N ARG B 10 -4.01 -20.48 -12.94
CA ARG B 10 -5.32 -20.91 -13.44
C ARG B 10 -6.41 -19.91 -13.07
N LYS B 11 -7.13 -19.39 -14.06
CA LYS B 11 -8.15 -18.37 -13.79
C LYS B 11 -9.06 -18.78 -12.62
N GLU B 12 -9.52 -20.03 -12.64
CA GLU B 12 -10.40 -20.49 -11.57
C GLU B 12 -9.78 -20.36 -10.18
N THR B 13 -8.51 -20.74 -10.08
CA THR B 13 -7.86 -20.84 -8.77
C THR B 13 -7.65 -19.44 -8.20
N VAL B 14 -7.31 -18.51 -9.08
CA VAL B 14 -7.34 -17.09 -8.76
C VAL B 14 -8.71 -16.81 -8.14
N GLU B 15 -9.78 -17.02 -8.93
CA GLU B 15 -11.13 -16.73 -8.46
C GLU B 15 -11.44 -17.30 -7.06
N ARG B 16 -11.07 -18.55 -6.82
CA ARG B 16 -11.41 -19.21 -5.55
C ARG B 16 -10.54 -18.64 -4.43
N LEU B 17 -9.38 -18.16 -4.82
CA LEU B 17 -8.40 -17.59 -3.90
C LEU B 17 -8.88 -16.23 -3.38
N LEU B 18 -9.32 -15.38 -4.33
CA LEU B 18 -9.91 -14.08 -4.03
C LEU B 18 -11.17 -14.24 -3.19
N ARG B 19 -12.07 -15.13 -3.62
CA ARG B 19 -13.28 -15.40 -2.86
C ARG B 19 -12.95 -15.82 -1.44
N LEU B 20 -11.98 -16.70 -1.28
CA LEU B 20 -11.67 -17.13 0.07
C LEU B 20 -11.52 -15.99 1.10
N HIS B 21 -10.88 -14.89 0.70
CA HIS B 21 -10.59 -13.84 1.69
C HIS B 21 -11.62 -12.72 1.82
N PHE B 22 -12.59 -12.64 0.90
CA PHE B 22 -13.62 -11.59 0.93
C PHE B 22 -14.29 -11.55 2.31
N ARG B 23 -14.60 -10.35 2.80
CA ARG B 23 -15.28 -10.20 4.10
C ARG B 23 -16.81 -10.01 4.03
N ASP B 24 -17.37 -9.96 2.83
CA ASP B 24 -18.82 -9.92 2.65
C ASP B 24 -19.21 -10.99 1.65
N GLY B 25 -20.20 -11.81 2.02
CA GLY B 25 -20.61 -12.93 1.20
C GLY B 25 -20.86 -12.63 -0.27
N ARG B 26 -21.45 -11.48 -0.56
CA ARG B 26 -21.97 -11.21 -1.89
C ARG B 26 -20.93 -10.74 -2.89
N THR B 27 -19.71 -10.55 -2.42
CA THR B 27 -18.67 -9.95 -3.25
C THR B 27 -18.17 -10.91 -4.33
N ARG B 28 -18.11 -10.43 -5.57
CA ARG B 28 -17.76 -11.26 -6.72
C ARG B 28 -16.79 -10.58 -7.69
N VAL B 29 -16.20 -11.36 -8.58
CA VAL B 29 -15.19 -10.85 -9.51
C VAL B 29 -15.54 -11.09 -10.98
N ASN B 30 -15.41 -10.05 -11.80
CA ASN B 30 -15.63 -10.18 -13.25
C ASN B 30 -14.54 -11.04 -13.96
N GLY B 31 -14.66 -11.22 -15.26
CA GLY B 31 -13.72 -12.06 -15.99
C GLY B 31 -12.37 -11.47 -16.34
N ASP B 32 -12.38 -10.29 -16.95
CA ASP B 32 -11.15 -9.67 -17.41
C ASP B 32 -10.33 -9.24 -16.20
N ALA B 33 -11.04 -8.92 -15.12
CA ALA B 33 -10.43 -8.81 -13.83
C ALA B 33 -9.62 -10.08 -13.63
N LEU B 34 -10.28 -11.22 -13.48
CA LEU B 34 -9.56 -12.47 -13.19
C LEU B 34 -8.32 -12.69 -14.05
N LEU B 35 -8.43 -12.42 -15.34
CA LEU B 35 -7.22 -12.45 -16.18
C LEU B 35 -6.11 -11.52 -15.67
N LEU B 36 -6.46 -10.26 -15.36
CA LEU B 36 -5.46 -9.30 -14.85
C LEU B 36 -4.90 -9.67 -13.48
N MET B 37 -5.73 -10.10 -12.55
CA MET B 37 -5.24 -10.64 -11.30
C MET B 37 -4.31 -11.82 -11.49
N ALA B 38 -4.55 -12.56 -12.56
CA ALA B 38 -3.59 -13.58 -12.94
C ALA B 38 -2.24 -12.99 -13.37
N GLU B 39 -2.24 -12.09 -14.34
CA GLU B 39 -0.98 -11.47 -14.80
C GLU B 39 -0.24 -10.83 -13.64
N LEU B 40 -0.99 -10.14 -12.78
CA LEU B 40 -0.48 -9.54 -11.55
C LEU B 40 0.20 -10.56 -10.61
N LEU B 41 -0.50 -11.64 -10.26
CA LEU B 41 0.11 -12.72 -9.49
C LEU B 41 1.39 -13.26 -10.13
N LYS B 42 1.34 -13.57 -11.42
CA LYS B 42 2.53 -14.00 -12.12
C LYS B 42 3.65 -13.03 -11.81
N VAL B 43 3.42 -11.75 -12.07
CA VAL B 43 4.48 -10.76 -11.87
C VAL B 43 5.03 -10.75 -10.45
N PHE B 44 4.15 -10.85 -9.46
CA PHE B 44 4.59 -10.90 -8.06
C PHE B 44 5.53 -12.05 -7.84
N VAL B 45 5.16 -13.22 -8.37
CA VAL B 45 5.98 -14.40 -8.15
C VAL B 45 7.30 -14.35 -8.90
N ARG B 46 7.26 -14.08 -10.20
CA ARG B 46 8.48 -13.94 -10.96
C ARG B 46 9.41 -12.89 -10.32
N GLU B 47 8.81 -11.90 -9.68
CA GLU B 47 9.60 -10.89 -8.98
C GLU B 47 10.24 -11.44 -7.69
N ALA B 48 9.46 -12.02 -6.81
CA ALA B 48 10.09 -12.59 -5.65
C ALA B 48 11.22 -13.51 -6.11
N ALA B 49 10.92 -14.41 -7.04
CA ALA B 49 11.91 -15.37 -7.48
C ALA B 49 13.18 -14.66 -7.93
N ALA B 50 13.03 -13.68 -8.82
CA ALA B 50 14.19 -13.00 -9.37
C ALA B 50 14.95 -12.11 -8.38
N ARG B 51 14.29 -11.53 -7.40
CA ARG B 51 15.03 -10.76 -6.42
C ARG B 51 15.84 -11.69 -5.53
N ALA B 52 15.25 -12.84 -5.23
CA ALA B 52 15.93 -13.82 -4.40
C ALA B 52 17.14 -14.38 -5.15
N ALA B 53 16.92 -14.76 -6.40
CA ALA B 53 17.99 -15.23 -7.25
C ALA B 53 19.08 -14.19 -7.36
N ARG B 54 18.68 -12.94 -7.59
CA ARG B 54 19.61 -11.81 -7.72
C ARG B 54 20.50 -11.86 -6.51
N GLN B 55 19.87 -11.87 -5.35
CA GLN B 55 20.51 -11.86 -4.04
C GLN B 55 21.53 -12.96 -3.89
N ALA B 56 21.08 -14.18 -4.14
CA ALA B 56 21.95 -15.33 -4.05
C ALA B 56 23.14 -15.16 -4.95
N GLN B 57 22.89 -14.97 -6.24
CA GLN B 57 23.91 -14.76 -7.24
C GLN B 57 24.92 -13.66 -6.88
N ALA B 58 24.50 -12.67 -6.12
CA ALA B 58 25.40 -11.60 -5.75
C ALA B 58 26.12 -11.93 -4.49
N GLU B 59 25.71 -13.03 -3.85
CA GLU B 59 26.51 -13.61 -2.79
C GLU B 59 27.44 -14.71 -3.30
N ASP B 60 27.50 -14.86 -4.61
CA ASP B 60 28.36 -15.86 -5.24
C ASP B 60 27.95 -17.28 -4.86
N LEU B 61 26.64 -17.48 -4.76
CA LEU B 61 26.02 -18.78 -4.46
C LEU B 61 25.34 -19.41 -5.69
N GLU B 62 25.37 -20.74 -5.79
CA GLU B 62 24.57 -21.44 -6.81
C GLU B 62 23.15 -21.72 -6.36
N LYS B 63 22.93 -21.82 -5.07
CA LYS B 63 21.61 -22.14 -4.54
C LYS B 63 20.94 -20.91 -3.91
N VAL B 64 19.75 -20.60 -4.43
CA VAL B 64 18.90 -19.57 -3.87
C VAL B 64 18.20 -20.22 -2.72
N ASP B 65 18.38 -19.69 -1.52
CA ASP B 65 17.96 -20.35 -0.29
C ASP B 65 16.94 -19.47 0.41
N ILE B 66 16.26 -20.00 1.40
CA ILE B 66 15.15 -19.28 2.03
C ILE B 66 15.52 -17.92 2.62
N GLU B 67 16.71 -17.85 3.21
CA GLU B 67 17.19 -16.58 3.75
C GLU B 67 17.26 -15.50 2.71
N HIS B 68 17.46 -15.87 1.46
CA HIS B 68 17.35 -14.94 0.35
C HIS B 68 15.92 -14.43 0.19
N VAL B 69 14.96 -15.32 0.27
CA VAL B 69 13.58 -14.87 0.15
C VAL B 69 13.28 -13.88 1.26
N GLU B 70 13.83 -14.12 2.45
CA GLU B 70 13.58 -13.19 3.56
C GLU B 70 14.33 -11.87 3.40
N LYS B 71 15.61 -11.94 3.07
CA LYS B 71 16.38 -10.74 2.86
C LYS B 71 15.73 -9.84 1.82
N VAL B 72 15.21 -10.38 0.73
CA VAL B 72 14.57 -9.50 -0.25
C VAL B 72 13.11 -9.21 0.04
N LEU B 73 12.50 -9.97 0.93
CA LEU B 73 11.02 -9.93 1.14
C LEU B 73 10.42 -8.58 1.50
N PRO B 74 10.90 -7.94 2.59
CA PRO B 74 10.44 -6.62 3.01
C PRO B 74 10.49 -5.56 1.91
N GLN B 75 11.61 -5.47 1.20
CA GLN B 75 11.66 -4.51 0.12
C GLN B 75 10.65 -4.89 -0.97
N LEU B 76 10.47 -6.17 -1.21
CA LEU B 76 9.55 -6.58 -2.27
C LEU B 76 8.15 -6.11 -1.93
N LEU B 77 7.67 -6.43 -0.73
CA LEU B 77 6.33 -6.03 -0.32
C LEU B 77 6.06 -4.54 -0.51
N LEU B 78 7.04 -3.71 -0.13
CA LEU B 78 7.03 -2.27 -0.39
C LEU B 78 6.86 -1.85 -1.86
N ASP B 79 7.87 -2.10 -2.69
CA ASP B 79 7.85 -1.70 -4.12
C ASP B 79 6.56 -2.12 -4.78
N PHE B 80 6.08 -3.28 -4.36
CA PHE B 80 4.83 -3.86 -4.82
C PHE B 80 3.72 -3.40 -3.90
N VAL B 81 2.53 -4.01 -3.96
CA VAL B 81 1.47 -3.60 -3.04
C VAL B 81 1.25 -4.58 -1.88
N GLU C 5 3.00 27.24 -4.17
CA GLU C 5 3.38 28.30 -3.26
C GLU C 5 2.77 28.11 -1.86
N PRO C 6 1.46 27.79 -1.79
CA PRO C 6 0.86 27.55 -0.47
C PRO C 6 1.21 26.21 0.15
N GLU C 7 1.43 26.24 1.46
CA GLU C 7 1.58 25.03 2.27
C GLU C 7 1.34 25.31 3.76
N ILE C 8 1.22 24.24 4.55
CA ILE C 8 1.19 24.35 6.00
C ILE C 8 2.56 24.82 6.49
N ALA C 9 2.58 25.49 7.64
CA ALA C 9 3.78 26.12 8.17
C ALA C 9 4.98 25.19 8.25
N SER C 10 6.14 25.66 7.79
CA SER C 10 7.41 25.01 8.09
C SER C 10 7.49 24.75 9.59
N SER C 11 7.15 25.79 10.35
CA SER C 11 7.25 25.78 11.80
C SER C 11 6.28 24.79 12.46
N LEU C 12 5.10 24.65 11.84
CA LEU C 12 4.12 23.73 12.39
C LEU C 12 4.51 22.28 12.16
N ILE C 13 4.95 22.02 10.95
CA ILE C 13 5.48 20.71 10.60
C ILE C 13 6.59 20.36 11.56
N LYS C 14 7.51 21.29 11.79
CA LYS C 14 8.63 21.03 12.68
C LYS C 14 8.09 20.67 14.04
N GLN C 15 7.18 21.51 14.52
CA GLN C 15 6.64 21.31 15.84
C GLN C 15 6.08 19.88 15.96
N ILE C 16 5.15 19.52 15.09
CA ILE C 16 4.48 18.22 15.09
C ILE C 16 5.45 17.04 14.99
N PHE C 17 6.42 17.17 14.10
CA PHE C 17 7.40 16.11 13.93
C PHE C 17 8.24 15.90 15.19
N SER C 18 8.77 16.98 15.75
CA SER C 18 9.62 16.86 16.94
C SER C 18 8.82 16.52 18.19
N HIS C 19 7.52 16.79 18.19
CA HIS C 19 6.64 16.17 19.15
C HIS C 19 6.64 14.65 18.98
N TYR C 20 6.11 14.14 17.87
CA TYR C 20 5.93 12.68 17.77
C TYR C 20 7.25 11.95 17.99
N VAL C 21 8.36 12.62 17.66
CA VAL C 21 9.70 12.00 17.70
C VAL C 21 10.45 11.98 19.05
N LYS C 22 10.38 13.09 19.79
CA LYS C 22 11.03 13.26 21.10
C LYS C 22 12.55 13.09 21.10
N THR C 23 13.23 13.63 20.08
CA THR C 23 14.69 13.53 19.99
C THR C 23 15.24 14.83 19.45
N PRO C 24 16.47 15.18 19.82
CA PRO C 24 16.89 16.36 19.08
C PRO C 24 17.05 16.00 17.60
N VAL C 25 16.82 16.99 16.73
CA VAL C 25 16.74 16.82 15.28
C VAL C 25 17.48 17.91 14.54
N THR C 26 18.48 17.54 13.74
CA THR C 26 19.25 18.51 12.98
C THR C 26 18.35 19.40 12.15
N ARG C 27 18.74 20.65 11.95
CA ARG C 27 17.94 21.58 11.16
C ARG C 27 17.70 21.01 9.78
N ASP C 28 18.74 20.40 9.26
CA ASP C 28 18.73 19.95 7.88
C ASP C 28 17.81 18.74 7.77
N ALA C 29 17.75 17.96 8.84
CA ALA C 29 16.81 16.85 8.88
C ALA C 29 15.36 17.30 8.77
N TYR C 30 14.97 18.37 9.47
CA TYR C 30 13.64 18.96 9.28
C TYR C 30 13.51 19.49 7.84
N LYS C 31 14.60 19.95 7.24
CA LYS C 31 14.51 20.32 5.81
C LYS C 31 13.88 19.14 5.11
N ILE C 32 14.51 17.99 5.32
CA ILE C 32 14.07 16.74 4.73
C ILE C 32 12.59 16.48 5.04
N VAL C 33 12.24 16.44 6.32
CA VAL C 33 10.85 16.22 6.71
C VAL C 33 9.88 17.11 5.94
N GLU C 34 10.18 18.39 5.80
CA GLU C 34 9.34 19.29 5.01
C GLU C 34 9.22 18.87 3.55
N LYS C 35 10.33 18.51 2.91
CA LYS C 35 10.23 17.99 1.55
C LYS C 35 9.29 16.79 1.50
N ALA C 36 9.58 15.79 2.32
CA ALA C 36 8.66 14.66 2.44
C ALA C 36 7.18 15.07 2.61
N SER C 37 6.91 16.14 3.35
CA SER C 37 5.55 16.64 3.52
C SER C 37 4.95 17.16 2.20
N GLU C 38 5.72 17.96 1.46
CA GLU C 38 5.26 18.44 0.16
C GLU C 38 4.89 17.25 -0.70
N ARG C 39 5.75 16.24 -0.74
CA ARG C 39 5.43 15.00 -1.46
C ARG C 39 4.15 14.26 -0.95
N TYR C 40 4.00 14.11 0.36
CA TYR C 40 2.79 13.48 0.89
C TYR C 40 1.55 14.19 0.38
N PHE C 41 1.44 15.49 0.63
CA PHE C 41 0.23 16.20 0.16
C PHE C 41 0.02 16.09 -1.35
N LYS C 42 1.10 16.16 -2.13
CA LYS C 42 0.93 15.93 -3.56
C LYS C 42 0.27 14.60 -3.85
N GLN C 43 0.90 13.54 -3.34
CA GLN C 43 0.44 12.17 -3.60
C GLN C 43 -1.00 11.95 -3.20
N ILE C 44 -1.33 12.14 -1.94
CA ILE C 44 -2.70 11.89 -1.53
C ILE C 44 -3.66 12.77 -2.31
N SER C 45 -3.19 13.93 -2.76
CA SER C 45 -4.04 14.72 -3.64
C SER C 45 -4.43 13.86 -4.84
N SER C 46 -3.44 13.38 -5.59
CA SER C 46 -3.75 12.61 -6.81
C SER C 46 -4.61 11.38 -6.49
N ASP C 47 -4.28 10.69 -5.40
CA ASP C 47 -5.12 9.59 -4.92
C ASP C 47 -6.58 9.99 -4.79
N LEU C 48 -6.90 10.89 -3.88
CA LEU C 48 -8.27 11.33 -3.68
C LEU C 48 -8.95 11.76 -5.01
N GLU C 49 -8.20 12.39 -5.92
CA GLU C 49 -8.77 12.56 -7.25
C GLU C 49 -9.29 11.20 -7.69
N ALA C 50 -8.42 10.20 -7.65
CA ALA C 50 -8.80 8.83 -8.06
C ALA C 50 -9.98 8.18 -7.33
N TYR C 51 -9.90 8.04 -6.01
CA TYR C 51 -11.01 7.48 -5.24
C TYR C 51 -12.37 8.15 -5.54
N SER C 52 -12.37 9.49 -5.55
CA SER C 52 -13.59 10.22 -5.93
C SER C 52 -14.07 9.86 -7.35
N GLN C 53 -13.22 10.08 -8.35
CA GLN C 53 -13.59 9.76 -9.73
C GLN C 53 -14.03 8.29 -9.88
N HIS C 54 -13.64 7.47 -8.92
CA HIS C 54 -14.00 6.05 -8.94
C HIS C 54 -15.42 5.84 -8.44
N ALA C 55 -15.81 6.54 -7.39
CA ALA C 55 -17.20 6.41 -6.94
C ALA C 55 -18.13 7.36 -7.69
N GLY C 56 -17.59 8.05 -8.69
CA GLY C 56 -18.38 8.82 -9.65
C GLY C 56 -18.60 10.26 -9.25
N ARG C 57 -17.88 10.70 -8.24
CA ARG C 57 -18.04 12.04 -7.70
C ARG C 57 -16.92 12.96 -8.16
N LYS C 58 -17.22 14.25 -8.25
CA LYS C 58 -16.18 15.24 -8.49
C LYS C 58 -15.72 15.87 -7.16
N THR C 59 -16.27 15.38 -6.07
CA THR C 59 -15.88 15.86 -4.75
C THR C 59 -15.41 14.75 -3.81
N VAL C 60 -14.37 15.02 -3.06
CA VAL C 60 -13.86 14.03 -2.14
C VAL C 60 -14.75 13.96 -0.92
N GLU C 61 -15.33 12.80 -0.65
CA GLU C 61 -16.19 12.66 0.52
C GLU C 61 -15.41 12.06 1.66
N MET C 62 -16.02 11.95 2.83
CA MET C 62 -15.33 11.41 4.00
C MET C 62 -14.93 9.94 3.82
N ALA C 63 -15.73 9.17 3.09
CA ALA C 63 -15.43 7.78 2.88
C ALA C 63 -14.18 7.59 2.00
N ASP C 64 -13.88 8.56 1.14
CA ASP C 64 -12.67 8.52 0.31
C ASP C 64 -11.45 8.60 1.17
N VAL C 65 -11.53 9.45 2.16
CA VAL C 65 -10.44 9.58 3.10
C VAL C 65 -10.35 8.30 3.95
N GLU C 66 -11.44 7.83 4.55
CA GLU C 66 -11.27 6.64 5.39
C GLU C 66 -10.72 5.51 4.56
N LEU C 67 -11.11 5.47 3.29
CA LEU C 67 -10.61 4.47 2.35
C LEU C 67 -9.10 4.63 2.23
N LEU C 68 -8.67 5.89 2.08
CA LEU C 68 -7.26 6.22 2.06
C LEU C 68 -6.53 5.72 3.29
N MET C 69 -6.89 6.22 4.44
CA MET C 69 -6.22 5.82 5.67
C MET C 69 -6.27 4.29 5.90
N ARG C 70 -7.24 3.63 5.26
CA ARG C 70 -7.31 2.18 5.38
C ARG C 70 -6.22 1.65 4.49
N ARG C 71 -6.19 2.15 3.27
CA ARG C 71 -5.23 1.75 2.28
C ARG C 71 -3.80 2.11 2.66
N GLN C 72 -3.63 3.04 3.59
CA GLN C 72 -2.28 3.38 4.02
C GLN C 72 -1.81 2.34 5.01
N GLY C 73 -2.74 1.79 5.75
CA GLY C 73 -2.37 0.88 6.81
C GLY C 73 -2.58 1.54 8.16
N LEU C 74 -3.06 2.78 8.13
CA LEU C 74 -3.45 3.47 9.36
C LEU C 74 -4.74 2.93 10.00
N VAL C 75 -5.81 2.88 9.23
CA VAL C 75 -7.06 2.32 9.73
C VAL C 75 -7.16 0.86 9.37
N THR C 76 -7.21 0.03 10.41
CA THR C 76 -7.30 -1.41 10.27
C THR C 76 -8.27 -1.99 11.28
N ASP C 77 -8.28 -3.31 11.36
CA ASP C 77 -9.21 -4.01 12.22
C ASP C 77 -8.94 -3.74 13.68
N LYS C 78 -7.72 -3.99 14.12
CA LYS C 78 -7.35 -3.76 15.53
C LYS C 78 -7.11 -2.28 15.92
N MET C 79 -7.05 -1.41 14.90
CA MET C 79 -7.01 0.04 15.09
C MET C 79 -7.96 0.71 14.09
N PRO C 80 -9.21 0.96 14.51
CA PRO C 80 -10.24 1.69 13.76
C PRO C 80 -10.14 3.23 13.82
N LEU C 81 -10.63 3.87 12.77
CA LEU C 81 -10.50 5.32 12.55
C LEU C 81 -10.93 6.20 13.72
N HIS C 82 -12.04 5.83 14.35
CA HIS C 82 -12.51 6.63 15.46
C HIS C 82 -11.44 6.68 16.57
N VAL C 83 -10.61 5.64 16.64
CA VAL C 83 -9.57 5.62 17.65
C VAL C 83 -8.52 6.65 17.29
N LEU C 84 -7.99 6.56 16.08
CA LEU C 84 -6.97 7.50 15.63
C LEU C 84 -7.48 8.90 15.92
N VAL C 85 -8.69 9.21 15.45
CA VAL C 85 -9.24 10.53 15.76
C VAL C 85 -9.16 10.78 17.25
N GLU C 86 -9.61 9.82 18.04
CA GLU C 86 -9.64 10.07 19.47
C GLU C 86 -8.26 10.41 20.04
N ARG C 87 -7.23 9.69 19.58
CA ARG C 87 -5.86 9.79 20.11
C ARG C 87 -5.01 10.96 19.59
N HIS C 88 -5.03 11.14 18.28
CA HIS C 88 -4.20 12.14 17.65
C HIS C 88 -4.90 13.47 17.27
N LEU C 89 -6.21 13.58 17.43
CA LEU C 89 -6.92 14.84 17.03
C LEU C 89 -7.33 15.77 18.17
N PRO C 90 -7.04 17.08 18.04
CA PRO C 90 -7.37 18.06 19.08
C PRO C 90 -8.88 18.14 19.38
N LEU C 91 -9.23 18.30 20.65
CA LEU C 91 -10.60 18.09 21.11
C LEU C 91 -11.57 18.75 20.16
N GLU C 92 -11.23 19.98 19.81
CA GLU C 92 -12.05 20.81 18.95
C GLU C 92 -12.29 20.17 17.58
N TYR C 93 -11.31 19.42 17.09
CA TYR C 93 -11.46 18.72 15.82
C TYR C 93 -12.19 17.37 15.86
N ARG C 94 -12.15 16.70 17.01
CA ARG C 94 -12.88 15.43 17.15
C ARG C 94 -14.36 15.67 17.44
N LYS C 95 -14.68 16.76 18.13
CA LYS C 95 -16.09 17.07 18.35
C LYS C 95 -16.93 17.05 17.06
N LEU C 96 -16.36 17.49 15.95
CA LEU C 96 -17.05 17.48 14.67
C LEU C 96 -16.98 16.10 14.01
N LEU C 97 -15.97 15.32 14.37
CA LEU C 97 -15.89 13.92 13.99
C LEU C 97 -16.55 12.94 14.96
N ILE C 98 -16.51 13.23 16.24
CA ILE C 98 -17.19 12.35 17.19
C ILE C 98 -18.24 13.13 17.97
N PRO C 99 -19.31 13.60 17.28
CA PRO C 99 -20.32 14.43 17.93
C PRO C 99 -20.80 13.79 19.23
N ILE C 100 -20.65 12.47 19.34
CA ILE C 100 -20.60 11.80 20.65
C ILE C 100 -20.52 10.30 20.43
N ALA C 101 -20.15 9.58 21.49
CA ALA C 101 -20.10 8.11 21.49
C ALA C 101 -19.37 7.56 22.69
N THR D 5 -4.25 22.60 16.76
CA THR D 5 -5.17 23.38 15.94
C THR D 5 -4.71 23.49 14.47
N VAL D 6 -5.67 23.66 13.57
CA VAL D 6 -5.40 23.49 12.14
C VAL D 6 -5.46 24.71 11.21
N PRO D 7 -4.38 24.93 10.45
CA PRO D 7 -4.43 25.80 9.27
C PRO D 7 -5.26 25.11 8.20
N ARG D 8 -6.50 24.81 8.54
CA ARG D 8 -7.39 24.05 7.68
C ARG D 8 -7.49 24.62 6.26
N GLY D 9 -7.85 25.89 6.18
CA GLY D 9 -7.91 26.59 4.91
C GLY D 9 -6.62 26.41 4.14
N THR D 10 -5.50 26.31 4.86
CA THR D 10 -4.22 26.13 4.20
C THR D 10 -4.23 24.73 3.63
N LEU D 11 -4.90 23.81 4.29
CA LEU D 11 -5.03 22.45 3.77
C LEU D 11 -5.76 22.45 2.42
N ARG D 12 -6.98 22.99 2.45
CA ARG D 12 -7.77 23.06 1.25
C ARG D 12 -6.98 23.77 0.15
N LYS D 13 -6.18 24.76 0.54
CA LYS D 13 -5.36 25.55 -0.40
C LYS D 13 -4.23 24.75 -1.05
N ILE D 14 -3.55 23.96 -0.22
CA ILE D 14 -2.54 23.01 -0.68
C ILE D 14 -3.12 22.06 -1.74
N ILE D 15 -4.25 21.42 -1.40
CA ILE D 15 -4.81 20.45 -2.32
C ILE D 15 -5.28 21.14 -3.58
N LYS D 16 -5.99 22.25 -3.42
CA LYS D 16 -6.44 23.06 -4.54
C LYS D 16 -5.26 23.25 -5.47
N LYS D 17 -4.12 23.62 -4.90
CA LYS D 17 -2.90 23.77 -5.68
C LYS D 17 -2.51 22.50 -6.43
N HIS D 18 -2.69 21.33 -5.81
CA HIS D 18 -2.40 20.10 -6.55
C HIS D 18 -3.54 19.65 -7.47
N LYS D 19 -4.76 19.67 -6.94
CA LYS D 19 -5.95 19.25 -7.66
C LYS D 19 -7.03 20.35 -7.58
N PRO D 20 -7.00 21.30 -8.52
CA PRO D 20 -7.82 22.53 -8.45
C PRO D 20 -9.31 22.26 -8.52
N HIS D 21 -9.73 21.41 -9.45
CA HIS D 21 -11.15 21.24 -9.72
C HIS D 21 -11.67 20.13 -8.86
N LEU D 22 -10.78 19.62 -8.04
CA LEU D 22 -11.14 18.68 -7.00
C LEU D 22 -11.61 19.54 -5.81
N ARG D 23 -12.89 19.40 -5.47
CA ARG D 23 -13.46 20.20 -4.41
C ARG D 23 -13.67 19.29 -3.21
N LEU D 24 -13.38 19.78 -2.00
CA LEU D 24 -13.61 18.96 -0.81
C LEU D 24 -14.95 19.22 -0.16
N ALA D 25 -15.26 18.45 0.86
CA ALA D 25 -16.57 18.47 1.48
C ALA D 25 -16.49 18.53 3.00
N ALA D 26 -17.61 18.86 3.63
CA ALA D 26 -17.80 18.64 5.06
C ALA D 26 -16.58 19.00 5.89
N ASN D 27 -16.24 18.10 6.79
CA ASN D 27 -15.02 18.17 7.58
C ASN D 27 -13.86 17.36 6.98
N THR D 28 -14.02 16.85 5.75
CA THR D 28 -13.07 15.89 5.16
C THR D 28 -11.59 16.30 5.33
N ASP D 29 -11.35 17.61 5.33
CA ASP D 29 -10.02 18.14 5.52
C ASP D 29 -9.46 17.85 6.92
N LEU D 30 -10.34 17.50 7.85
CA LEU D 30 -9.91 17.15 9.21
C LEU D 30 -9.32 15.75 9.23
N LEU D 31 -9.90 14.89 8.41
CA LEU D 31 -9.37 13.56 8.22
C LEU D 31 -8.10 13.63 7.38
N VAL D 32 -8.10 14.37 6.27
CA VAL D 32 -6.84 14.61 5.56
C VAL D 32 -5.77 15.14 6.51
N HIS D 33 -6.17 16.03 7.40
CA HIS D 33 -5.22 16.52 8.39
C HIS D 33 -4.70 15.36 9.23
N LEU D 34 -5.63 14.52 9.71
CA LEU D 34 -5.27 13.40 10.57
C LEU D 34 -4.29 12.47 9.86
N SER D 35 -4.56 12.20 8.59
CA SER D 35 -3.71 11.32 7.82
C SER D 35 -2.32 11.92 7.75
N PHE D 36 -2.26 13.24 7.53
CA PHE D 36 -0.97 13.93 7.54
C PHE D 36 -0.24 13.78 8.88
N LEU D 37 -0.97 13.99 9.96
CA LEU D 37 -0.41 13.85 11.29
C LEU D 37 0.17 12.48 11.48
N LEU D 38 -0.54 11.47 11.00
CA LEU D 38 -0.17 10.09 11.31
C LEU D 38 0.97 9.70 10.40
N PHE D 39 1.06 10.41 9.28
CA PHE D 39 2.22 10.34 8.40
C PHE D 39 3.44 10.82 9.17
N LEU D 40 3.38 12.06 9.67
CA LEU D 40 4.47 12.54 10.51
C LEU D 40 4.77 11.57 11.62
N HIS D 41 3.75 11.04 12.27
CA HIS D 41 4.02 10.16 13.37
C HIS D 41 4.87 9.02 12.87
N ARG D 42 4.46 8.40 11.76
CA ARG D 42 5.22 7.27 11.21
C ARG D 42 6.68 7.67 10.92
N LEU D 43 6.84 8.79 10.19
CA LEU D 43 8.15 9.27 9.77
C LEU D 43 9.01 9.45 11.01
N ALA D 44 8.41 9.91 12.08
CA ALA D 44 9.13 10.01 13.34
C ALA D 44 9.52 8.63 13.87
N GLU D 45 8.56 7.75 14.05
CA GLU D 45 8.83 6.47 14.66
C GLU D 45 10.01 5.84 13.92
N GLU D 46 9.90 5.89 12.60
CA GLU D 46 10.82 5.24 11.68
C GLU D 46 12.19 5.87 11.73
N ALA D 47 12.23 7.18 11.66
CA ALA D 47 13.49 7.92 11.69
C ALA D 47 14.22 7.72 13.03
N ARG D 48 13.49 7.73 14.15
CA ARG D 48 14.06 7.48 15.45
C ARG D 48 14.70 6.10 15.46
N THR D 49 13.97 5.09 14.99
CA THR D 49 14.57 3.76 14.99
C THR D 49 15.79 3.65 14.05
N ASN D 50 15.82 4.44 12.96
CA ASN D 50 17.01 4.54 12.12
C ASN D 50 18.21 5.16 12.81
N ALA D 51 17.96 6.14 13.66
CA ALA D 51 19.03 6.70 14.51
C ALA D 51 19.52 5.67 15.53
N PHE D 52 18.61 5.02 16.24
CA PHE D 52 19.00 4.05 17.25
C PHE D 52 19.71 2.85 16.62
N GLU D 53 19.42 2.58 15.36
CA GLU D 53 20.19 1.62 14.57
C GLU D 53 21.53 2.20 14.12
N ASN D 54 21.64 3.53 14.06
CA ASN D 54 22.91 4.17 13.68
C ASN D 54 23.84 4.38 14.86
N LYS D 55 23.42 3.92 16.03
CA LYS D 55 24.14 4.21 17.26
C LYS D 55 24.17 5.72 17.53
N SER D 56 23.20 6.44 17.00
CA SER D 56 23.14 7.90 17.14
C SER D 56 22.04 8.33 18.09
N LYS D 57 22.28 9.43 18.80
CA LYS D 57 21.28 9.96 19.73
C LYS D 57 20.47 11.12 19.14
N ILE D 58 20.74 11.40 17.88
CA ILE D 58 20.32 12.61 17.21
C ILE D 58 19.73 12.27 15.83
N ILE D 59 18.62 12.90 15.45
CA ILE D 59 18.06 12.70 14.10
C ILE D 59 18.81 13.52 13.03
N LYS D 60 19.45 12.82 12.08
CA LYS D 60 20.28 13.44 11.07
C LYS D 60 19.63 13.25 9.70
N PRO D 61 19.96 14.10 8.73
CA PRO D 61 19.27 14.01 7.44
C PRO D 61 19.31 12.62 6.86
N GLU D 62 20.43 11.93 6.89
CA GLU D 62 20.48 10.58 6.33
C GLU D 62 19.33 9.68 6.82
N HIS D 63 19.08 9.72 8.13
CA HIS D 63 17.99 8.98 8.79
C HIS D 63 16.60 9.39 8.29
N THR D 64 16.35 10.68 8.27
CA THR D 64 15.10 11.23 7.77
C THR D 64 14.88 10.87 6.30
N ILE D 65 15.91 10.87 5.48
CA ILE D 65 15.74 10.49 4.10
C ILE D 65 15.37 9.03 3.98
N ALA D 66 16.11 8.16 4.63
CA ALA D 66 15.75 6.76 4.60
C ALA D 66 14.27 6.59 4.92
N ALA D 67 13.90 7.12 6.07
CA ALA D 67 12.52 7.03 6.51
C ALA D 67 11.57 7.55 5.44
N ALA D 68 11.82 8.76 4.94
CA ALA D 68 10.92 9.34 3.94
C ALA D 68 10.70 8.37 2.81
N LYS D 69 11.76 7.77 2.29
CA LYS D 69 11.54 6.76 1.25
C LYS D 69 10.52 5.73 1.73
N VAL D 70 10.78 5.06 2.87
CA VAL D 70 9.83 4.00 3.28
C VAL D 70 8.39 4.44 3.64
N ILE D 71 8.24 5.39 4.57
CA ILE D 71 6.94 5.85 4.99
C ILE D 71 6.20 6.48 3.84
N LEU D 72 6.92 7.18 2.97
CA LEU D 72 6.26 7.78 1.83
C LEU D 72 5.72 6.72 0.92
N LYS D 73 6.37 5.55 0.89
CA LYS D 73 5.85 4.43 0.10
C LYS D 73 4.63 3.87 0.77
N LYS D 74 4.73 3.69 2.09
CA LYS D 74 3.63 3.15 2.87
C LYS D 74 2.43 4.06 2.74
N SER D 75 2.65 5.25 2.21
CA SER D 75 1.60 6.24 2.19
C SER D 75 0.75 6.27 0.91
N ARG D 76 1.17 5.51 -0.11
CA ARG D 76 0.49 5.59 -1.39
C ARG D 76 -0.94 5.00 -1.34
N GLY D 77 -1.84 5.49 -2.18
CA GLY D 77 -3.19 4.96 -2.25
C GLY D 77 -3.46 4.16 -3.52
#